data_8PB0
#
_entry.id   8PB0
#
_cell.length_a   39.490
_cell.length_b   67.910
_cell.length_c   40.220
_cell.angle_alpha   90.000
_cell.angle_beta   93.370
_cell.angle_gamma   90.000
#
_symmetry.space_group_name_H-M   'P 1 21 1'
#
loop_
_entity.id
_entity.type
_entity.pdbx_description
1 polymer 'Beta-lactamase VIM-1'
2 non-polymer 'ZINC ION'
3 non-polymer '7-[(1~{S})-1-[4-[[[(2~{S})-2-azanyl-3-oxidanyl-propanoyl]amino]methyl]-1,2,3-triazol-1-yl]ethyl]-3-[3-fluoranyl-4-(methylsulfonylmethyl)phenyl]-1~{H}-indole-2-carboxylic acid'
4 water water
#
_entity_poly.entity_id   1
_entity_poly.type   'polypeptide(L)'
_entity_poly.pdbx_seq_one_letter_code
;MLKVISSLLVYMTASVMAVASPLAHSGEPSGEYPTVNEIPVGEVRLYQIADGVWSHIATQSFDGAVYPSNGLIVRDGDEL
LLIDTAWGAKNTAALLAEIEKQIGLPVTRAVSTHFHDDRVGGVDVLRAAGVATYASPSTRRLAEAEGNEIPTHSLEGLSS
SGDAVRFGPVELFYPGAAHSTDNLVVYVPSANVLYGGCAVHELSSTSAGNVADADLAEWPTSVERIQKHYPEAEVVIPGH
GLPGGLDLLQHTANVVKAHKNRSVAE
;
_entity_poly.pdbx_strand_id   A
#
loop_
_chem_comp.id
_chem_comp.type
_chem_comp.name
_chem_comp.formula
XQE non-polymer '7-[(1~{S})-1-[4-[[[(2~{S})-2-azanyl-3-oxidanyl-propanoyl]amino]methyl]-1,2,3-triazol-1-yl]ethyl]-3-[3-fluoranyl-4-(methylsulfonylmethyl)phenyl]-1~{H}-indole-2-carboxylic acid' 'C25 H27 F N6 O6 S'
ZN non-polymer 'ZINC ION' 'Zn 2'
#
# COMPACT_ATOMS: atom_id res chain seq x y z
N SER A 30 7.82 12.57 -16.35
CA SER A 30 7.72 14.04 -16.41
C SER A 30 6.29 14.47 -16.07
N GLY A 31 5.72 13.95 -14.99
CA GLY A 31 4.43 14.38 -14.49
C GLY A 31 3.33 13.31 -14.51
N GLU A 32 3.40 12.35 -15.43
CA GLU A 32 2.41 11.28 -15.47
C GLU A 32 2.68 10.28 -14.34
N TYR A 33 1.68 9.47 -13.99
CA TYR A 33 1.91 8.51 -12.91
C TYR A 33 2.97 7.49 -13.35
N PRO A 34 3.99 7.22 -12.52
N PRO A 34 4.02 7.24 -12.56
CA PRO A 34 5.11 6.34 -12.91
CA PRO A 34 5.12 6.39 -13.02
C PRO A 34 4.70 4.90 -13.12
C PRO A 34 4.71 4.93 -13.16
N THR A 35 5.35 4.26 -14.08
N THR A 35 5.35 4.28 -14.12
CA THR A 35 5.14 2.86 -14.40
CA THR A 35 5.18 2.87 -14.39
C THR A 35 6.51 2.18 -14.46
C THR A 35 6.57 2.25 -14.46
N VAL A 36 6.50 0.86 -14.66
N VAL A 36 6.61 0.92 -14.53
CA VAL A 36 7.76 0.10 -14.74
CA VAL A 36 7.88 0.23 -14.63
C VAL A 36 8.64 0.55 -15.88
C VAL A 36 8.74 0.77 -15.75
N ASN A 37 8.05 1.06 -16.96
N ASN A 37 8.13 1.30 -16.79
CA ASN A 37 8.86 1.46 -18.10
CA ASN A 37 8.90 1.68 -17.97
C ASN A 37 9.65 2.70 -17.75
C ASN A 37 9.56 3.04 -17.78
N GLU A 38 9.18 3.42 -16.76
N GLU A 38 9.22 3.73 -16.69
CA GLU A 38 9.95 4.49 -16.17
CA GLU A 38 9.78 5.04 -16.40
C GLU A 38 10.62 4.05 -14.89
C GLU A 38 10.69 5.07 -15.19
N ILE A 39 10.41 2.81 -14.44
N ILE A 39 10.77 3.98 -14.42
CA ILE A 39 10.96 2.35 -13.17
CA ILE A 39 11.56 3.93 -13.20
C ILE A 39 11.70 1.04 -13.36
C ILE A 39 12.89 3.26 -13.56
N PRO A 40 13.02 1.09 -13.51
N PRO A 40 14.01 3.96 -13.51
CA PRO A 40 13.84 -0.11 -13.36
CA PRO A 40 15.31 3.30 -13.68
C PRO A 40 13.74 -0.62 -11.94
C PRO A 40 15.54 2.13 -12.73
N VAL A 41 13.85 -1.93 -11.80
N VAL A 41 16.36 1.18 -13.20
CA VAL A 41 13.86 -2.49 -10.46
CA VAL A 41 16.56 -0.07 -12.48
C VAL A 41 15.08 -1.95 -9.72
C VAL A 41 17.01 0.25 -11.06
N GLY A 42 14.83 -1.43 -8.51
N GLY A 42 16.35 -0.37 -10.08
CA GLY A 42 15.82 -0.77 -7.68
CA GLY A 42 16.72 -0.21 -8.68
C GLY A 42 15.65 0.73 -7.59
C GLY A 42 16.36 1.11 -8.03
N GLU A 43 14.89 1.33 -8.49
N GLU A 43 15.55 1.94 -8.68
CA GLU A 43 14.63 2.76 -8.47
CA GLU A 43 15.24 3.27 -8.15
C GLU A 43 13.29 3.03 -7.83
C GLU A 43 13.76 3.33 -7.76
N VAL A 44 13.12 4.25 -7.29
N VAL A 44 13.39 4.44 -7.10
CA VAL A 44 11.89 4.65 -6.65
CA VAL A 44 12.03 4.68 -6.64
C VAL A 44 11.51 6.04 -7.15
C VAL A 44 11.57 6.04 -7.15
N ARG A 45 10.24 6.23 -7.50
N ARG A 45 10.26 6.17 -7.41
CA ARG A 45 9.75 7.54 -7.84
CA ARG A 45 9.69 7.45 -7.78
C ARG A 45 8.64 7.90 -6.87
C ARG A 45 8.63 7.87 -6.78
N LEU A 46 8.50 9.18 -6.60
CA LEU A 46 7.42 9.74 -5.81
C LEU A 46 6.45 10.48 -6.73
N TYR A 47 5.20 10.55 -6.30
CA TYR A 47 4.15 11.25 -7.05
C TYR A 47 3.33 12.03 -6.06
N GLN A 48 3.23 13.33 -6.28
CA GLN A 48 2.44 14.17 -5.41
C GLN A 48 0.95 13.93 -5.63
N ILE A 49 0.24 13.51 -4.59
CA ILE A 49 -1.18 13.23 -4.67
C ILE A 49 -2.02 14.41 -4.25
N ALA A 50 -1.60 15.12 -3.20
CA ALA A 50 -2.30 16.25 -2.62
C ALA A 50 -1.28 16.98 -1.75
N ASP A 51 -1.67 18.10 -1.17
CA ASP A 51 -0.76 18.79 -0.27
CA ASP A 51 -0.76 18.79 -0.27
C ASP A 51 -0.38 17.86 0.88
N GLY A 52 0.91 17.66 1.07
CA GLY A 52 1.38 16.79 2.13
C GLY A 52 1.13 15.32 1.95
N VAL A 53 0.77 14.85 0.75
CA VAL A 53 0.52 13.44 0.49
C VAL A 53 1.20 13.06 -0.82
N TRP A 54 2.03 12.02 -0.79
CA TRP A 54 2.69 11.46 -1.97
C TRP A 54 2.42 9.97 -2.00
N SER A 55 2.43 9.40 -3.19
CA SER A 55 2.66 7.96 -3.29
C SER A 55 4.10 7.71 -3.66
N HIS A 56 4.58 6.52 -3.32
CA HIS A 56 5.85 6.02 -3.78
C HIS A 56 5.62 4.80 -4.65
N ILE A 57 6.43 4.69 -5.70
CA ILE A 57 6.30 3.64 -6.70
C ILE A 57 7.66 3.00 -6.94
N ALA A 58 7.69 1.70 -6.91
CA ALA A 58 8.91 0.94 -7.18
C ALA A 58 8.53 -0.31 -7.95
N THR A 59 9.54 -1.03 -8.47
CA THR A 59 9.27 -2.25 -9.21
CA THR A 59 9.35 -2.22 -9.28
C THR A 59 10.09 -3.38 -8.62
N GLN A 60 9.54 -4.58 -8.75
CA GLN A 60 10.20 -5.76 -8.20
C GLN A 60 9.87 -6.98 -9.06
N SER A 61 10.82 -7.91 -9.09
N SER A 61 10.80 -7.92 -9.06
CA SER A 61 10.65 -9.22 -9.74
CA SER A 61 10.57 -9.18 -9.75
C SER A 61 10.09 -10.20 -8.71
C SER A 61 10.16 -10.26 -8.76
N PHE A 62 9.20 -11.07 -9.16
CA PHE A 62 8.65 -12.12 -8.30
C PHE A 62 8.22 -13.25 -9.21
N ASP A 63 8.74 -14.46 -8.97
CA ASP A 63 8.43 -15.61 -9.81
C ASP A 63 8.61 -15.32 -11.30
N GLY A 64 9.64 -14.55 -11.62
CA GLY A 64 10.02 -14.34 -13.01
C GLY A 64 9.21 -13.32 -13.77
N ALA A 65 8.44 -12.48 -13.08
CA ALA A 65 7.75 -11.38 -13.73
C ALA A 65 7.98 -10.12 -12.91
N VAL A 66 7.84 -8.98 -13.58
CA VAL A 66 8.10 -7.67 -12.99
C VAL A 66 6.79 -6.97 -12.72
N TYR A 67 6.65 -6.41 -11.52
CA TYR A 67 5.46 -5.72 -11.07
C TYR A 67 5.80 -4.37 -10.48
N PRO A 68 4.94 -3.37 -10.67
CA PRO A 68 5.01 -2.14 -9.87
C PRO A 68 4.27 -2.34 -8.57
N SER A 69 4.60 -1.51 -7.57
N SER A 69 4.54 -1.43 -7.63
CA SER A 69 3.77 -1.43 -6.37
CA SER A 69 3.88 -1.41 -6.34
C SER A 69 3.87 -0.04 -5.78
C SER A 69 3.86 0.02 -5.82
N ASN A 70 2.80 0.34 -5.07
CA ASN A 70 2.67 1.65 -4.46
C ASN A 70 2.79 1.57 -2.92
N GLY A 71 3.19 2.70 -2.36
CA GLY A 71 2.99 3.01 -0.96
C GLY A 71 2.60 4.47 -0.81
N LEU A 72 2.54 4.96 0.41
CA LEU A 72 2.11 6.31 0.71
C LEU A 72 3.11 7.01 1.62
N ILE A 73 3.18 8.33 1.49
CA ILE A 73 3.94 9.19 2.38
C ILE A 73 3.03 10.34 2.79
N VAL A 74 2.94 10.61 4.09
CA VAL A 74 2.04 11.65 4.59
C VAL A 74 2.83 12.56 5.51
N ARG A 75 2.81 13.86 5.21
N ARG A 75 2.80 13.85 5.22
CA ARG A 75 3.49 14.82 6.06
CA ARG A 75 3.52 14.80 6.06
C ARG A 75 2.81 14.90 7.42
C ARG A 75 2.82 14.93 7.41
N ASP A 76 3.63 14.91 8.48
CA ASP A 76 3.20 14.81 9.89
C ASP A 76 3.98 15.95 10.59
N GLY A 77 3.59 17.20 10.30
CA GLY A 77 4.34 18.36 10.77
C GLY A 77 5.70 18.50 10.10
N ASP A 78 6.78 18.40 10.87
CA ASP A 78 8.12 18.37 10.28
C ASP A 78 8.68 16.96 10.21
N GLU A 79 7.84 15.94 10.28
CA GLU A 79 8.23 14.57 10.05
C GLU A 79 7.31 13.94 9.01
N LEU A 80 7.66 12.73 8.61
CA LEU A 80 6.87 11.97 7.63
C LEU A 80 6.44 10.63 8.22
N LEU A 81 5.22 10.24 7.90
CA LEU A 81 4.67 8.91 8.12
C LEU A 81 4.72 8.16 6.79
N LEU A 82 5.30 6.98 6.81
CA LEU A 82 5.38 6.10 5.64
C LEU A 82 4.35 5.00 5.77
N ILE A 83 3.65 4.73 4.69
CA ILE A 83 2.77 3.57 4.59
C ILE A 83 3.37 2.62 3.56
N ASP A 84 3.78 1.44 4.02
CA ASP A 84 4.33 0.34 3.24
C ASP A 84 5.74 0.58 2.73
N THR A 85 6.52 -0.51 2.71
CA THR A 85 7.83 -0.48 2.12
C THR A 85 7.72 -0.38 0.61
N ALA A 86 8.90 -0.31 -0.05
CA ALA A 86 9.00 -0.27 -1.50
C ALA A 86 9.26 -1.65 -2.09
N TRP A 87 8.94 -2.72 -1.37
CA TRP A 87 9.04 -4.10 -1.88
C TRP A 87 10.48 -4.51 -2.07
N GLY A 88 11.18 -4.68 -0.96
CA GLY A 88 12.53 -5.17 -0.96
C GLY A 88 13.47 -4.24 -0.22
N ALA A 89 14.57 -4.82 0.25
CA ALA A 89 15.55 -4.07 1.02
C ALA A 89 16.20 -2.97 0.19
N LYS A 90 16.72 -3.31 -0.99
N LYS A 90 16.70 -3.30 -1.00
CA LYS A 90 17.37 -2.30 -1.81
CA LYS A 90 17.38 -2.25 -1.76
C LYS A 90 16.39 -1.22 -2.26
C LYS A 90 16.39 -1.21 -2.29
N ASN A 91 15.18 -1.64 -2.67
CA ASN A 91 14.18 -0.65 -3.06
C ASN A 91 13.85 0.29 -1.91
N THR A 92 13.76 -0.23 -0.69
CA THR A 92 13.38 0.60 0.45
C THR A 92 14.52 1.54 0.82
N ALA A 93 15.77 1.11 0.71
CA ALA A 93 16.88 2.03 0.86
C ALA A 93 16.79 3.15 -0.18
N ALA A 94 16.50 2.79 -1.44
CA ALA A 94 16.34 3.80 -2.48
C ALA A 94 15.17 4.73 -2.18
N LEU A 95 14.10 4.21 -1.59
CA LEU A 95 12.97 5.04 -1.20
C LEU A 95 13.39 6.10 -0.22
N LEU A 96 14.11 5.71 0.82
CA LEU A 96 14.57 6.68 1.80
C LEU A 96 15.43 7.75 1.14
N ALA A 97 16.30 7.36 0.20
CA ALA A 97 17.13 8.33 -0.47
C ALA A 97 16.30 9.27 -1.34
N GLU A 98 15.27 8.74 -2.00
CA GLU A 98 14.40 9.57 -2.82
C GLU A 98 13.60 10.56 -1.98
N ILE A 99 13.14 10.12 -0.80
CA ILE A 99 12.43 11.02 0.10
C ILE A 99 13.35 12.15 0.56
N GLU A 100 14.62 11.82 0.83
CA GLU A 100 15.53 12.86 1.29
C GLU A 100 15.78 13.87 0.18
N LYS A 101 15.90 13.38 -1.05
CA LYS A 101 16.10 14.26 -2.21
C LYS A 101 14.89 15.15 -2.48
N GLN A 102 13.68 14.59 -2.46
CA GLN A 102 12.50 15.28 -2.96
C GLN A 102 11.75 16.04 -1.88
N ILE A 103 11.82 15.60 -0.63
CA ILE A 103 11.01 16.13 0.45
C ILE A 103 11.87 16.69 1.57
N GLY A 104 12.87 15.93 2.01
CA GLY A 104 13.85 16.45 2.94
C GLY A 104 13.43 16.46 4.39
N LEU A 105 12.37 15.72 4.75
CA LEU A 105 11.93 15.61 6.12
C LEU A 105 12.13 14.17 6.54
N PRO A 106 12.39 13.91 7.81
CA PRO A 106 12.72 12.55 8.24
C PRO A 106 11.49 11.67 8.33
N VAL A 107 11.62 10.42 7.86
CA VAL A 107 10.61 9.40 8.09
C VAL A 107 10.77 8.87 9.51
N THR A 108 9.76 9.07 10.35
CA THR A 108 9.89 8.64 11.74
C THR A 108 9.10 7.39 12.07
N ARG A 109 8.03 7.10 11.34
CA ARG A 109 7.18 5.95 11.60
C ARG A 109 6.75 5.38 10.27
N ALA A 110 6.50 4.07 10.28
CA ALA A 110 5.97 3.38 9.11
C ALA A 110 4.93 2.38 9.57
N VAL A 111 3.89 2.23 8.76
CA VAL A 111 2.84 1.25 8.97
C VAL A 111 2.83 0.34 7.73
N SER A 112 2.83 -0.97 7.96
CA SER A 112 2.65 -1.94 6.88
C SER A 112 1.21 -2.43 6.87
N THR A 113 0.58 -2.43 5.71
CA THR A 113 -0.86 -2.67 5.62
C THR A 113 -1.26 -4.13 5.42
N HIS A 114 -0.30 -5.03 5.15
CA HIS A 114 -0.49 -6.47 5.33
C HIS A 114 0.86 -7.13 5.29
N PHE A 115 0.90 -8.44 5.30
CA PHE A 115 2.11 -9.20 5.62
C PHE A 115 2.98 -9.56 4.42
N HIS A 116 2.54 -9.31 3.19
CA HIS A 116 3.33 -9.68 2.02
C HIS A 116 4.56 -8.78 1.84
N ASP A 117 5.54 -9.30 1.09
N ASP A 117 5.53 -9.30 1.06
CA ASP A 117 6.82 -8.63 0.91
CA ASP A 117 6.81 -8.60 0.91
C ASP A 117 6.70 -7.24 0.26
C ASP A 117 6.66 -7.21 0.31
N ASP A 118 5.64 -6.97 -0.52
CA ASP A 118 5.44 -5.63 -1.07
C ASP A 118 4.99 -4.62 -0.01
N ARG A 119 4.75 -5.06 1.22
CA ARG A 119 4.33 -4.21 2.33
C ARG A 119 5.34 -4.20 3.48
N VAL A 120 6.02 -5.33 3.73
CA VAL A 120 6.97 -5.47 4.83
C VAL A 120 8.39 -5.70 4.37
N GLY A 121 8.63 -6.01 3.10
CA GLY A 121 9.99 -6.28 2.66
C GLY A 121 10.74 -4.97 2.58
N GLY A 122 11.70 -4.79 3.48
CA GLY A 122 12.34 -3.51 3.70
C GLY A 122 12.16 -2.98 5.11
N VAL A 123 11.33 -3.61 5.94
CA VAL A 123 11.19 -3.20 7.33
C VAL A 123 12.52 -3.24 8.09
N ASP A 124 13.40 -4.22 7.79
CA ASP A 124 14.69 -4.25 8.47
C ASP A 124 15.52 -3.03 8.10
N VAL A 125 15.48 -2.62 6.83
CA VAL A 125 16.15 -1.38 6.40
C VAL A 125 15.57 -0.19 7.14
N LEU A 126 14.24 -0.10 7.22
CA LEU A 126 13.63 1.03 7.92
C LEU A 126 14.07 1.07 9.38
N ARG A 127 14.04 -0.09 10.04
CA ARG A 127 14.37 -0.17 11.46
C ARG A 127 15.83 0.23 11.70
N ALA A 128 16.76 -0.12 10.79
CA ALA A 128 18.17 0.29 10.88
C ALA A 128 18.41 1.76 10.50
N ALA A 129 17.42 2.40 9.90
CA ALA A 129 17.48 3.82 9.62
C ALA A 129 16.73 4.61 10.67
N GLY A 130 16.36 3.99 11.79
CA GLY A 130 15.74 4.66 12.91
C GLY A 130 14.23 4.82 12.80
N VAL A 131 13.60 4.25 11.79
CA VAL A 131 12.16 4.36 11.61
C VAL A 131 11.48 3.36 12.53
N ALA A 132 10.47 3.83 13.28
CA ALA A 132 9.66 2.94 14.09
C ALA A 132 8.62 2.29 13.20
N THR A 133 8.59 0.95 13.17
CA THR A 133 7.73 0.18 12.27
C THR A 133 6.57 -0.45 13.03
N TYR A 134 5.40 -0.36 12.43
CA TYR A 134 4.14 -0.78 13.02
C TYR A 134 3.34 -1.64 12.06
N ALA A 135 2.55 -2.57 12.62
CA ALA A 135 1.54 -3.31 11.89
C ALA A 135 0.57 -3.89 12.90
N SER A 136 -0.58 -4.36 12.42
CA SER A 136 -1.51 -5.03 13.33
C SER A 136 -0.89 -6.31 13.86
N PRO A 137 -1.40 -6.82 14.99
CA PRO A 137 -0.90 -8.12 15.47
C PRO A 137 -1.17 -9.22 14.45
N SER A 138 -2.25 -9.14 13.70
N SER A 138 -2.28 -9.15 13.72
CA SER A 138 -2.53 -10.15 12.70
CA SER A 138 -2.55 -10.13 12.68
C SER A 138 -1.48 -10.14 11.59
C SER A 138 -1.45 -10.14 11.63
N THR A 139 -1.07 -8.96 11.13
CA THR A 139 -0.02 -8.87 10.14
C THR A 139 1.30 -9.38 10.71
N ARG A 140 1.62 -9.02 11.96
CA ARG A 140 2.88 -9.46 12.53
C ARG A 140 2.94 -10.98 12.63
N ARG A 141 1.84 -11.62 13.04
CA ARG A 141 1.83 -13.08 13.15
C ARG A 141 1.97 -13.73 11.77
N LEU A 142 1.28 -13.18 10.76
CA LEU A 142 1.34 -13.76 9.42
C LEU A 142 2.73 -13.59 8.83
N ALA A 143 3.33 -12.41 9.03
CA ALA A 143 4.68 -12.17 8.55
C ALA A 143 5.66 -13.13 9.19
N GLU A 144 5.57 -13.28 10.51
CA GLU A 144 6.48 -14.19 11.21
C GLU A 144 6.31 -15.62 10.70
N ALA A 145 5.07 -16.06 10.49
CA ALA A 145 4.85 -17.45 10.08
C ALA A 145 5.34 -17.70 8.66
N GLU A 146 5.28 -16.69 7.80
CA GLU A 146 5.71 -16.79 6.42
CA GLU A 146 5.71 -16.79 6.42
C GLU A 146 7.21 -16.57 6.22
N GLY A 147 7.92 -16.11 7.25
CA GLY A 147 9.32 -15.78 7.08
C GLY A 147 9.57 -14.44 6.45
N ASN A 148 8.62 -13.52 6.55
CA ASN A 148 8.81 -12.17 6.05
C ASN A 148 9.28 -11.27 7.19
N GLU A 149 9.78 -10.08 6.83
CA GLU A 149 10.23 -9.14 7.85
C GLU A 149 9.07 -8.67 8.72
N ILE A 150 9.36 -8.44 10.01
CA ILE A 150 8.31 -8.27 11.00
C ILE A 150 8.40 -6.85 11.57
N PRO A 151 7.38 -6.00 11.38
CA PRO A 151 7.32 -4.69 12.05
C PRO A 151 7.44 -4.83 13.56
N THR A 152 8.05 -3.83 14.20
CA THR A 152 8.36 -3.90 15.63
C THR A 152 7.12 -3.80 16.51
N HIS A 153 6.23 -2.89 16.21
CA HIS A 153 5.18 -2.47 17.14
C HIS A 153 3.80 -2.92 16.64
N SER A 154 2.95 -3.33 17.57
CA SER A 154 1.62 -3.85 17.27
C SER A 154 0.58 -2.73 17.36
N LEU A 155 -0.28 -2.67 16.35
CA LEU A 155 -1.39 -1.73 16.31
C LEU A 155 -2.66 -2.43 16.80
N GLU A 156 -3.05 -2.13 18.05
CA GLU A 156 -4.28 -2.66 18.61
C GLU A 156 -5.48 -1.85 18.10
N GLY A 157 -6.66 -2.34 18.43
CA GLY A 157 -7.86 -1.61 18.08
C GLY A 157 -8.34 -1.79 16.66
N LEU A 158 -7.81 -2.79 15.93
CA LEU A 158 -8.14 -3.01 14.52
C LEU A 158 -8.56 -4.45 14.23
N SER A 159 -8.92 -5.22 15.25
CA SER A 159 -9.09 -6.65 15.04
C SER A 159 -10.47 -7.03 14.55
N SER A 160 -11.46 -6.15 14.62
N SER A 160 -11.44 -6.11 14.57
CA SER A 160 -12.79 -6.44 14.11
CA SER A 160 -12.81 -6.37 14.18
C SER A 160 -13.06 -5.59 12.87
C SER A 160 -13.19 -5.54 12.95
N SER A 161 -13.75 -6.17 11.89
N SER A 161 -13.81 -6.18 11.96
CA SER A 161 -14.04 -5.42 10.68
CA SER A 161 -14.21 -5.47 10.75
C SER A 161 -14.92 -4.21 11.01
C SER A 161 -14.92 -4.16 11.11
N GLY A 162 -14.56 -3.08 10.42
CA GLY A 162 -15.15 -1.81 10.71
C GLY A 162 -14.36 -0.97 11.71
N ASP A 163 -13.36 -1.56 12.37
CA ASP A 163 -12.56 -0.81 13.32
C ASP A 163 -11.73 0.24 12.64
N ALA A 164 -11.53 1.33 13.35
CA ALA A 164 -10.67 2.40 12.91
C ALA A 164 -9.93 2.97 14.10
N VAL A 165 -8.69 3.42 13.86
CA VAL A 165 -7.88 4.12 14.84
C VAL A 165 -7.14 5.25 14.14
N ARG A 166 -6.78 6.27 14.91
CA ARG A 166 -5.95 7.34 14.40
C ARG A 166 -4.49 7.01 14.60
N PHE A 167 -3.68 7.41 13.62
CA PHE A 167 -2.23 7.21 13.65
C PHE A 167 -1.61 8.44 12.98
N GLY A 168 -1.17 9.41 13.77
CA GLY A 168 -0.71 10.67 13.22
C GLY A 168 -1.76 11.28 12.33
N PRO A 169 -1.37 11.69 11.12
CA PRO A 169 -2.29 12.38 10.22
C PRO A 169 -3.21 11.47 9.43
N VAL A 170 -3.26 10.18 9.75
CA VAL A 170 -4.15 9.28 9.03
C VAL A 170 -5.10 8.58 9.98
N GLU A 171 -6.09 7.97 9.37
CA GLU A 171 -6.94 6.95 10.00
C GLU A 171 -6.63 5.60 9.36
N LEU A 172 -6.45 4.61 10.21
CA LEU A 172 -6.28 3.23 9.79
C LEU A 172 -7.61 2.53 9.98
N PHE A 173 -7.99 1.70 9.00
CA PHE A 173 -9.30 1.07 8.97
C PHE A 173 -9.14 -0.37 8.58
N TYR A 174 -9.77 -1.28 9.31
CA TYR A 174 -9.74 -2.69 8.96
C TYR A 174 -11.07 -3.03 8.32
N PRO A 175 -11.13 -3.28 7.02
CA PRO A 175 -12.43 -3.46 6.37
C PRO A 175 -12.97 -4.88 6.43
N GLY A 176 -12.18 -5.82 6.94
CA GLY A 176 -12.45 -7.23 6.80
C GLY A 176 -11.55 -7.88 5.77
N ALA A 177 -11.61 -9.19 5.72
CA ALA A 177 -10.77 -9.95 4.80
C ALA A 177 -11.06 -9.60 3.34
N ALA A 178 -10.00 -9.53 2.54
CA ALA A 178 -10.16 -9.19 1.13
C ALA A 178 -8.99 -9.80 0.36
N HIS A 179 -8.03 -8.97 -0.05
CA HIS A 179 -6.81 -9.48 -0.62
C HIS A 179 -6.05 -10.38 0.34
N SER A 180 -6.12 -10.08 1.63
CA SER A 180 -5.57 -10.92 2.69
C SER A 180 -6.48 -10.74 3.89
N THR A 181 -6.31 -11.61 4.90
N THR A 181 -6.29 -11.60 4.90
CA THR A 181 -7.19 -11.50 6.06
CA THR A 181 -7.13 -11.56 6.08
C THR A 181 -6.86 -10.27 6.89
C THR A 181 -6.80 -10.38 7.00
N ASP A 182 -5.62 -9.78 6.84
CA ASP A 182 -5.13 -8.72 7.69
C ASP A 182 -5.12 -7.35 7.01
N ASN A 183 -5.57 -7.22 5.78
CA ASN A 183 -5.31 -5.99 5.05
C ASN A 183 -5.98 -4.79 5.70
N LEU A 184 -5.21 -3.70 5.80
CA LEU A 184 -5.69 -2.43 6.33
C LEU A 184 -5.77 -1.41 5.20
N VAL A 185 -6.62 -0.41 5.44
N VAL A 185 -6.71 -0.48 5.33
CA VAL A 185 -6.87 0.72 4.55
CA VAL A 185 -6.71 0.68 4.45
C VAL A 185 -6.48 1.98 5.30
C VAL A 185 -6.39 1.92 5.28
N VAL A 186 -6.02 3.00 4.58
CA VAL A 186 -5.53 4.21 5.22
C VAL A 186 -6.24 5.41 4.59
N TYR A 187 -6.79 6.29 5.42
CA TYR A 187 -7.46 7.50 4.95
C TYR A 187 -6.70 8.71 5.45
N VAL A 188 -6.51 9.69 4.57
CA VAL A 188 -5.87 10.95 4.94
C VAL A 188 -6.97 12.00 5.00
N PRO A 189 -7.53 12.33 6.18
CA PRO A 189 -8.74 13.18 6.19
C PRO A 189 -8.47 14.58 5.68
N SER A 190 -7.25 15.12 5.83
CA SER A 190 -7.00 16.49 5.38
C SER A 190 -7.19 16.62 3.88
N ALA A 191 -7.01 15.53 3.15
CA ALA A 191 -6.98 15.56 1.69
C ALA A 191 -8.03 14.67 1.06
N ASN A 192 -8.82 13.95 1.86
CA ASN A 192 -9.78 12.96 1.37
C ASN A 192 -9.11 11.98 0.42
N VAL A 193 -7.94 11.51 0.83
CA VAL A 193 -7.18 10.49 0.08
C VAL A 193 -7.42 9.14 0.73
N LEU A 194 -7.90 8.18 -0.06
CA LEU A 194 -8.12 6.81 0.39
C LEU A 194 -7.04 5.93 -0.24
N TYR A 195 -6.16 5.40 0.60
CA TYR A 195 -5.15 4.44 0.17
C TYR A 195 -5.68 3.06 0.47
N GLY A 196 -6.08 2.37 -0.57
CA GLY A 196 -6.73 1.10 -0.37
C GLY A 196 -5.78 -0.07 -0.18
N GLY A 197 -4.50 0.12 -0.47
CA GLY A 197 -3.59 -0.99 -0.47
C GLY A 197 -4.08 -2.08 -1.41
N CYS A 198 -3.62 -3.30 -1.14
CA CYS A 198 -3.85 -4.37 -2.11
C CYS A 198 -5.28 -4.90 -2.12
N ALA A 199 -6.12 -4.44 -1.19
CA ALA A 199 -7.55 -4.69 -1.26
C ALA A 199 -8.24 -3.94 -2.39
N VAL A 200 -7.57 -2.98 -3.01
CA VAL A 200 -8.13 -2.17 -4.09
C VAL A 200 -7.24 -2.30 -5.32
N HIS A 201 -7.86 -2.57 -6.47
CA HIS A 201 -7.17 -2.68 -7.74
C HIS A 201 -7.40 -1.47 -8.62
N GLU A 202 -6.50 -1.26 -9.55
CA GLU A 202 -6.60 -0.17 -10.50
C GLU A 202 -7.65 -0.46 -11.56
N LEU A 203 -8.11 0.60 -12.19
CA LEU A 203 -9.22 0.47 -13.15
C LEU A 203 -8.88 -0.42 -14.34
N SER A 204 -7.64 -0.36 -14.80
CA SER A 204 -7.29 -1.16 -15.98
C SER A 204 -7.14 -2.63 -15.67
N SER A 205 -7.20 -3.03 -14.42
N SER A 205 -7.23 -3.02 -14.39
CA SER A 205 -6.98 -4.43 -14.11
CA SER A 205 -7.12 -4.41 -14.01
C SER A 205 -8.07 -5.30 -14.71
C SER A 205 -8.13 -5.26 -14.75
N THR A 206 -7.63 -6.41 -15.28
N THR A 206 -7.63 -6.31 -15.42
CA THR A 206 -8.52 -7.39 -15.89
CA THR A 206 -8.47 -7.36 -15.98
C THR A 206 -8.53 -8.68 -15.09
C THR A 206 -8.50 -8.60 -15.10
N SER A 207 -7.81 -8.70 -13.99
N SER A 207 -7.80 -8.57 -13.97
CA SER A 207 -7.70 -9.86 -13.11
CA SER A 207 -7.67 -9.72 -13.09
C SER A 207 -7.52 -9.28 -11.70
C SER A 207 -7.59 -9.21 -11.66
N ALA A 208 -7.68 -10.13 -10.70
CA ALA A 208 -7.67 -9.75 -9.29
C ALA A 208 -6.30 -9.87 -8.64
N GLY A 209 -5.22 -9.86 -9.42
CA GLY A 209 -3.87 -9.93 -8.87
C GLY A 209 -3.50 -11.26 -8.23
N ASN A 210 -2.63 -11.19 -7.24
CA ASN A 210 -2.17 -12.40 -6.57
C ASN A 210 -3.10 -12.69 -5.42
N VAL A 211 -3.92 -13.71 -5.58
CA VAL A 211 -5.02 -14.00 -4.68
C VAL A 211 -4.74 -15.19 -3.79
N ALA A 212 -3.47 -15.59 -3.68
CA ALA A 212 -3.17 -16.83 -2.96
C ALA A 212 -3.68 -16.77 -1.52
N ASP A 213 -3.65 -15.61 -0.89
CA ASP A 213 -4.02 -15.45 0.52
C ASP A 213 -5.33 -14.70 0.70
N ALA A 214 -6.11 -14.56 -0.36
CA ALA A 214 -7.33 -13.76 -0.37
C ALA A 214 -8.54 -14.54 0.12
N ASP A 215 -9.60 -13.79 0.41
CA ASP A 215 -10.92 -14.33 0.71
C ASP A 215 -11.83 -13.72 -0.35
N LEU A 216 -11.99 -14.43 -1.49
CA LEU A 216 -12.73 -13.85 -2.61
C LEU A 216 -14.21 -13.68 -2.28
N ALA A 217 -14.75 -14.52 -1.39
CA ALA A 217 -16.15 -14.43 -1.03
C ALA A 217 -16.41 -13.21 -0.14
N GLU A 218 -15.49 -12.91 0.77
CA GLU A 218 -15.68 -11.80 1.69
C GLU A 218 -15.27 -10.47 1.08
N TRP A 219 -14.34 -10.50 0.12
CA TRP A 219 -13.79 -9.27 -0.45
C TRP A 219 -14.84 -8.26 -0.87
N PRO A 220 -15.89 -8.60 -1.62
CA PRO A 220 -16.88 -7.57 -1.96
C PRO A 220 -17.51 -6.93 -0.72
N THR A 221 -17.76 -7.73 0.33
CA THR A 221 -18.36 -7.16 1.54
C THR A 221 -17.39 -6.19 2.19
N SER A 222 -16.11 -6.55 2.19
CA SER A 222 -15.09 -5.65 2.73
C SER A 222 -15.00 -4.36 1.91
N VAL A 223 -15.10 -4.46 0.58
CA VAL A 223 -15.10 -3.25 -0.25
C VAL A 223 -16.32 -2.41 0.04
N GLU A 224 -17.48 -3.04 0.22
N GLU A 224 -17.47 -3.04 0.23
CA GLU A 224 -18.68 -2.29 0.58
CA GLU A 224 -18.68 -2.30 0.59
C GLU A 224 -18.48 -1.52 1.89
C GLU A 224 -18.49 -1.52 1.89
N ARG A 225 -17.78 -2.11 2.86
CA ARG A 225 -17.53 -1.41 4.12
C ARG A 225 -16.66 -0.18 3.87
N ILE A 226 -15.67 -0.31 2.96
CA ILE A 226 -14.82 0.82 2.64
C ILE A 226 -15.66 1.93 2.02
N GLN A 227 -16.52 1.56 1.07
CA GLN A 227 -17.38 2.52 0.38
C GLN A 227 -18.27 3.27 1.35
N LYS A 228 -18.83 2.55 2.32
CA LYS A 228 -19.71 3.16 3.30
C LYS A 228 -18.97 4.08 4.26
N HIS A 229 -17.73 3.71 4.61
N HIS A 229 -17.74 3.72 4.61
CA HIS A 229 -16.98 4.47 5.59
CA HIS A 229 -17.02 4.49 5.61
C HIS A 229 -16.37 5.74 5.02
C HIS A 229 -16.29 5.70 5.06
N TYR A 230 -15.97 5.72 3.76
CA TYR A 230 -15.24 6.81 3.12
C TYR A 230 -15.94 7.32 1.86
N PRO A 231 -17.17 7.79 1.99
CA PRO A 231 -17.92 8.22 0.80
C PRO A 231 -17.43 9.51 0.20
N GLU A 232 -16.59 10.27 0.89
CA GLU A 232 -16.11 11.55 0.40
C GLU A 232 -14.69 11.43 -0.15
N ALA A 233 -14.17 10.22 -0.28
CA ALA A 233 -12.84 10.06 -0.86
C ALA A 233 -12.77 10.68 -2.26
N GLU A 234 -11.72 11.45 -2.49
CA GLU A 234 -11.53 12.10 -3.78
C GLU A 234 -10.47 11.42 -4.65
N VAL A 235 -9.46 10.85 -4.04
CA VAL A 235 -8.46 10.04 -4.70
C VAL A 235 -8.44 8.69 -4.02
N VAL A 236 -8.39 7.63 -4.80
CA VAL A 236 -8.27 6.26 -4.32
C VAL A 236 -7.00 5.68 -4.94
N ILE A 237 -6.11 5.18 -4.10
CA ILE A 237 -4.83 4.64 -4.53
C ILE A 237 -4.83 3.13 -4.32
N PRO A 238 -4.59 2.35 -5.36
CA PRO A 238 -4.50 0.89 -5.21
C PRO A 238 -3.11 0.46 -4.74
N GLY A 239 -3.00 -0.78 -4.28
CA GLY A 239 -1.69 -1.29 -3.90
C GLY A 239 -0.74 -1.43 -5.06
N HIS A 240 -1.25 -1.60 -6.26
CA HIS A 240 -0.46 -1.73 -7.49
C HIS A 240 -1.21 -0.98 -8.59
N GLY A 241 -0.52 -0.10 -9.30
CA GLY A 241 -1.13 0.58 -10.45
C GLY A 241 -1.60 2.00 -10.18
N LEU A 242 -2.43 2.50 -11.10
N LEU A 242 -2.41 2.51 -11.10
CA LEU A 242 -2.72 3.94 -11.17
CA LEU A 242 -2.69 3.94 -11.14
C LEU A 242 -3.80 4.35 -10.18
C LEU A 242 -3.79 4.33 -10.15
N PRO A 243 -3.62 5.45 -9.46
CA PRO A 243 -4.73 6.03 -8.68
C PRO A 243 -5.87 6.48 -9.58
N GLY A 244 -7.05 6.58 -9.00
CA GLY A 244 -8.20 7.17 -9.64
C GLY A 244 -9.16 7.67 -8.59
N GLY A 245 -10.45 7.60 -8.88
CA GLY A 245 -11.48 8.02 -7.95
C GLY A 245 -12.17 6.83 -7.30
N LEU A 246 -13.34 7.11 -6.72
CA LEU A 246 -14.13 6.09 -6.05
C LEU A 246 -14.46 4.90 -6.95
N ASP A 247 -14.43 5.04 -8.29
CA ASP A 247 -14.79 3.93 -9.17
C ASP A 247 -13.89 2.71 -8.92
N LEU A 248 -12.66 2.92 -8.43
CA LEU A 248 -11.78 1.79 -8.21
C LEU A 248 -12.41 0.79 -7.27
N LEU A 249 -13.23 1.25 -6.32
CA LEU A 249 -13.81 0.33 -5.36
C LEU A 249 -14.80 -0.61 -6.03
N GLN A 250 -15.76 -0.07 -6.78
CA GLN A 250 -16.69 -0.94 -7.47
C GLN A 250 -15.97 -1.82 -8.50
N HIS A 251 -15.00 -1.26 -9.23
CA HIS A 251 -14.26 -2.06 -10.19
C HIS A 251 -13.58 -3.24 -9.51
N THR A 252 -12.98 -3.01 -8.32
CA THR A 252 -12.36 -4.10 -7.58
C THR A 252 -13.36 -5.19 -7.26
N ALA A 253 -14.53 -4.81 -6.74
CA ALA A 253 -15.56 -5.82 -6.47
C ALA A 253 -15.86 -6.60 -7.74
N ASN A 254 -15.97 -5.91 -8.87
CA ASN A 254 -16.29 -6.57 -10.13
C ASN A 254 -15.20 -7.56 -10.54
N VAL A 255 -13.93 -7.16 -10.49
CA VAL A 255 -12.90 -8.09 -10.95
C VAL A 255 -12.74 -9.26 -10.00
N VAL A 256 -12.98 -9.04 -8.71
CA VAL A 256 -12.90 -10.13 -7.74
C VAL A 256 -14.02 -11.13 -7.98
N LYS A 257 -15.26 -10.64 -8.16
CA LYS A 257 -16.39 -11.52 -8.44
C LYS A 257 -16.13 -12.34 -9.70
N ALA A 258 -15.55 -11.73 -10.73
CA ALA A 258 -15.29 -12.49 -11.96
C ALA A 258 -14.19 -13.51 -11.74
N HIS A 259 -13.29 -13.23 -10.81
CA HIS A 259 -12.26 -14.19 -10.46
C HIS A 259 -12.87 -15.38 -9.73
N LYS A 260 -13.58 -15.13 -8.63
CA LYS A 260 -14.26 -16.21 -7.91
C LYS A 260 -15.01 -17.12 -8.87
N ASN A 261 -15.79 -16.53 -9.78
N ASN A 261 -15.85 -16.53 -9.72
CA ASN A 261 -16.50 -17.29 -10.80
CA ASN A 261 -16.67 -17.30 -10.67
C ASN A 261 -15.60 -17.55 -12.02
C ASN A 261 -15.96 -17.53 -12.00
ZN ZN B . -0.43 -8.82 -0.82
ZN ZN C . 0.02 -6.35 -3.28
C01 XQE D . 4.45 -9.91 -2.92
C01 XQE D . 4.51 -9.93 -2.94
C02 XQE D . 3.06 -10.37 -3.36
C02 XQE D . 3.07 -10.31 -3.31
C03 XQE D . 2.92 -10.30 -4.89
C03 XQE D . 2.95 -10.33 -4.87
C04 XQE D . 1.79 -9.64 -5.44
C04 XQE D . 1.81 -9.71 -5.43
C06 XQE D . -0.08 -8.56 -5.76
C06 XQE D . -0.10 -8.67 -5.75
C07 XQE D . -1.38 -7.84 -5.49
C07 XQE D . -1.42 -8.07 -5.38
C10 XQE D . 0.43 -8.85 -7.02
C10 XQE D . 0.36 -9.00 -7.01
C11 XQE D . -0.20 -8.46 -8.35
C11 XQE D . -0.28 -8.60 -8.33
C12 XQE D . -0.78 -7.20 -8.47
C12 XQE D . -0.29 -9.43 -9.44
C13 XQE D . -1.36 -6.81 -9.66
C13 XQE D . -0.85 -8.96 -10.62
C14 XQE D . -1.33 -7.66 -10.76
C14 XQE D . -1.38 -7.68 -10.73
C15 XQE D . -1.97 -7.23 -12.09
C15 XQE D . -1.99 -7.18 -12.05
C17 XQE D . -4.59 -6.72 -10.85
C17 XQE D . -4.58 -6.69 -10.75
C20 XQE D . -0.73 -8.89 -10.62
C20 XQE D . -1.31 -6.85 -9.62
C22 XQE D . -0.16 -9.31 -9.43
C22 XQE D . -0.76 -7.29 -8.43
C23 XQE D . 1.64 -9.54 -6.81
C23 XQE D . 1.61 -9.62 -6.81
C24 XQE D . 2.60 -10.11 -7.66
C24 XQE D . 2.55 -10.20 -7.67
C25 XQE D . 3.71 -10.75 -7.12
C25 XQE D . 3.68 -10.81 -7.13
C26 XQE D . 3.87 -10.85 -5.74
C26 XQE D . 3.90 -10.87 -5.74
C28 XQE D . 1.62 -12.32 -2.88
C28 XQE D . 1.58 -12.25 -2.91
C29 XQE D . 1.86 -13.63 -2.35
C29 XQE D . 1.83 -13.52 -2.31
C30 XQE D . 0.82 -14.71 -2.13
C30 XQE D . 0.89 -14.67 -2.10
C32 XQE D . 1.94 -16.66 -3.32
C32 XQE D . 2.08 -16.61 -3.39
C34 XQE D . 2.43 -18.12 -3.23
C34 XQE D . 2.62 -18.03 -3.23
C36 XQE D . 3.18 -18.39 -1.94
C36 XQE D . 3.79 -18.10 -2.26
F21 XQE D . -0.70 -9.73 -11.68
F21 XQE D . -1.81 -5.59 -9.68
N05 XQE D . 0.75 -9.03 -4.85
N05 XQE D . 0.77 -9.10 -4.84
N27 XQE D . 2.81 -11.72 -2.90
N27 XQE D . 2.76 -11.63 -2.82
N31 XQE D . 1.35 -16.06 -2.14
N31 XQE D . 1.53 -15.99 -2.18
N35 XQE D . 3.28 -18.40 -4.39
N35 XQE D . 3.02 -18.53 -4.53
N38 XQE D . 3.17 -13.70 -2.08
N38 XQE D . 3.08 -13.55 -1.87
N39 XQE D . 3.72 -12.55 -2.41
N39 XQE D . 3.63 -12.41 -2.18
O08 XQE D . -2.42 -8.13 -6.15
O08 XQE D . -2.44 -8.45 -6.04
O09 XQE D . -1.42 -6.99 -4.57
O09 XQE D . -1.49 -7.43 -4.31
O18 XQE D . -3.87 -9.16 -11.74
O18 XQE D . -3.94 -9.01 -11.99
O19 XQE D . -4.33 -7.67 -13.41
O19 XQE D . -4.35 -6.99 -13.33
O33 XQE D . 2.04 -16.04 -4.34
O33 XQE D . 2.09 -16.05 -4.44
O37 XQE D . 4.50 -17.93 -2.05
O37 XQE D . 4.89 -17.61 -2.94
S16 XQE D . -3.72 -7.74 -12.08
S16 XQE D . -3.79 -7.54 -12.13
H013 XQE D . 4.73 -9.00 -3.47
H013 XQE D . 4.79 -9.02 -3.45
H011 XQE D . 5.17 -10.68 -3.12
H011 XQE D . 5.18 -10.74 -3.26
H012 XQE D . 4.44 -9.69 -1.86
H012 XQE D . 4.58 -9.80 -1.87
H021 XQE D . 2.30 -9.74 -2.91
H021 XQE D . 2.38 -9.61 -2.87
H121 XQE D . -0.79 -6.53 -7.61
H121 XQE D . 0.13 -10.43 -9.39
H131 XQE D . -1.82 -5.83 -9.74
H131 XQE D . -0.87 -9.62 -11.48
H151 XQE D . -1.91 -6.15 -12.19
H151 XQE D . -1.86 -6.10 -12.11
H152 XQE D . -1.45 -7.71 -12.91
H152 XQE D . -1.50 -7.66 -12.87
H171 XQE D . -5.50 -7.21 -10.54
H171 XQE D . -5.55 -7.15 -10.55
H172 XQE D . -4.84 -5.75 -11.30
H172 XQE D . -4.73 -5.64 -11.00
H173 XQE D . -3.95 -6.56 -9.99
H173 XQE D . -3.96 -6.76 -9.87
H221 XQE D . 0.31 -10.28 -9.35
H221 XQE D . -0.69 -6.62 -7.58
H241 XQE D . 2.48 -10.04 -8.73
H241 XQE D . 2.40 -10.16 -8.74
H251 XQE D . 4.46 -11.18 -7.77
H251 XQE D . 4.41 -11.25 -7.80
H261 XQE D . 4.73 -11.34 -5.32
H261 XQE D . 4.79 -11.34 -5.35
H281 XQE D . 0.68 -11.90 -3.20
H281 XQE D . 0.66 -11.88 -3.34
H301 XQE D . 0.36 -14.54 -1.16
H301 XQE D . 0.43 -14.58 -1.12
H302 XQE D . 0.06 -14.62 -2.90
H302 XQE D . 0.13 -14.62 -2.86
H341 XQE D . 1.56 -18.76 -3.25
H341 XQE D . 1.83 -18.64 -2.80
H361 XQE D . 3.19 -19.47 -1.75
H361 XQE D . 3.96 -19.13 -1.97
H362 XQE D . 2.69 -17.89 -1.12
H362 XQE D . 3.58 -17.50 -1.39
H051 XQE D . 0.62 -8.96 -3.87
H051 XQE D . 0.66 -9.00 -3.85
H311 XQE D . 1.29 -16.60 -1.31
H311 XQE D . 1.59 -16.52 -1.33
H352 XQE D . 4.03 -17.75 -4.42
H352 XQE D . 4.02 -18.56 -4.57
H351 XQE D . 2.73 -18.31 -5.24
H351 XQE D . 2.68 -17.91 -5.24
H371 XQE D . 4.49 -17.00 -2.21
H371 XQE D . 4.89 -16.66 -2.90
#